data_3OXS
#
_entry.id   3OXS
#
_cell.length_a   60.210
_cell.length_b   79.060
_cell.length_c   110.000
_cell.angle_alpha   90.00
_cell.angle_beta   90.00
_cell.angle_gamma   90.00
#
_symmetry.space_group_name_H-M   'P 21 21 21'
#
loop_
_entity.id
_entity.type
_entity.pdbx_description
1 polymer 'MHC class I antigen'
2 polymer Beta-2-microglobulin
3 polymer '10mer peptide from Pre-core-protein'
4 water water
#
loop_
_entity_poly.entity_id
_entity_poly.type
_entity_poly.pdbx_seq_one_letter_code
_entity_poly.pdbx_strand_id
1 'polypeptide(L)'
;GSHSMRYFFTSVSRPGRGEPRFIAVGYVDDTQFVRFDSDAASQRMEPRAPWIEQEGPEYWDGETRKVKAHSQTHRVDLGT
LRGYYNQSEAGSHTVQRMCGCDVGSDWRFLRGYHQYAYDGKDYIALKEDLRSWTAADMAAQTTKHKWEAAHVAEQLRAYL
EGTCVEWLRRYLENGKETLQRTDAPKTHMTHHAVSDHEATLRCWALSFYPAEITLTWQRDGEDQTQDTELVETRPAGDGT
FQKWAAVVVPSGQEQRYTCHVQHEGLPKPLTLRWE
;
A
2 'polypeptide(L)'
;MIQRTPKIQVYSRHPAENGKSNFLNCYVSGFHPSDIEVDLLKNGERIEKVEHSDLSFSKDWSFYLLYYTEFTPTEKDEYA
CRVNHVTLSQPKIVKWDRDM
;
B
3 'polypeptide(L)' FLPSDFFPSV C
#
# COMPACT_ATOMS: atom_id res chain seq x y z
N GLY A 1 6.72 -17.26 10.98
CA GLY A 1 6.97 -15.85 11.43
C GLY A 1 5.64 -15.25 11.83
N SER A 2 5.64 -13.95 12.11
CA SER A 2 4.43 -13.24 12.58
C SER A 2 3.49 -13.01 11.39
N HIS A 3 2.23 -12.69 11.67
CA HIS A 3 1.27 -12.42 10.59
C HIS A 3 0.36 -11.31 11.07
N SER A 4 -0.29 -10.65 10.13
CA SER A 4 -1.24 -9.60 10.45
C SER A 4 -2.50 -9.75 9.62
N MET A 5 -3.61 -9.24 10.12
CA MET A 5 -4.78 -8.98 9.28
C MET A 5 -5.21 -7.54 9.46
N ARG A 6 -5.35 -6.81 8.35
CA ARG A 6 -5.63 -5.36 8.46
C ARG A 6 -6.70 -4.99 7.48
N TYR A 7 -7.49 -3.98 7.85
CA TYR A 7 -8.44 -3.37 6.92
C TYR A 7 -8.14 -1.89 6.79
N PHE A 8 -8.29 -1.37 5.56
CA PHE A 8 -8.03 0.03 5.29
C PHE A 8 -9.30 0.58 4.66
N PHE A 9 -9.81 1.69 5.22
CA PHE A 9 -11.03 2.26 4.70
C PHE A 9 -10.68 3.70 4.25
N THR A 10 -11.24 4.14 3.13
CA THR A 10 -11.10 5.53 2.70
C THR A 10 -12.48 6.02 2.26
N SER A 11 -12.90 7.20 2.74
CA SER A 11 -14.16 7.80 2.31
C SER A 11 -13.87 9.24 1.91
N VAL A 12 -14.37 9.62 0.75
CA VAL A 12 -14.05 10.91 0.14
C VAL A 12 -15.36 11.60 -0.18
N SER A 13 -15.57 12.76 0.44
CA SER A 13 -16.86 13.45 0.21
C SER A 13 -16.96 14.03 -1.20
N ARG A 14 -18.20 14.13 -1.69
CA ARG A 14 -18.48 14.60 -3.06
C ARG A 14 -19.52 15.70 -2.94
N PRO A 15 -19.06 16.89 -2.55
CA PRO A 15 -19.91 18.04 -2.21
C PRO A 15 -21.00 18.32 -3.25
N GLY A 16 -20.66 18.32 -4.52
CA GLY A 16 -21.64 18.79 -5.50
C GLY A 16 -22.86 17.89 -5.60
N ARG A 17 -22.69 16.60 -5.30
CA ARG A 17 -23.81 15.65 -5.43
C ARG A 17 -23.49 14.29 -4.85
N GLY A 18 -24.43 13.75 -4.08
CA GLY A 18 -24.42 12.34 -3.73
C GLY A 18 -23.57 12.01 -2.50
N GLU A 19 -23.37 10.72 -2.33
CA GLU A 19 -22.67 10.18 -1.16
C GLU A 19 -21.15 10.10 -1.39
N PRO A 20 -20.41 9.96 -0.30
CA PRO A 20 -18.94 9.88 -0.49
C PRO A 20 -18.57 8.64 -1.28
N ARG A 21 -17.42 8.70 -1.94
CA ARG A 21 -16.78 7.50 -2.47
C ARG A 21 -16.22 6.72 -1.30
N PHE A 22 -16.43 5.40 -1.25
CA PHE A 22 -15.90 4.65 -0.10
C PHE A 22 -15.21 3.43 -0.67
N ILE A 23 -13.95 3.21 -0.25
CA ILE A 23 -13.19 2.05 -0.72
C ILE A 23 -12.67 1.37 0.51
N ALA A 24 -12.89 0.07 0.61
CA ALA A 24 -12.31 -0.72 1.69
C ALA A 24 -11.50 -1.85 1.11
N VAL A 25 -10.36 -2.15 1.75
CA VAL A 25 -9.53 -3.26 1.29
C VAL A 25 -9.08 -4.03 2.52
N GLY A 26 -9.07 -5.35 2.42
CA GLY A 26 -8.61 -6.20 3.51
C GLY A 26 -7.33 -6.95 3.11
N TYR A 27 -6.38 -7.03 4.04
CA TYR A 27 -5.11 -7.75 3.81
C TYR A 27 -4.87 -8.82 4.85
N VAL A 28 -4.22 -9.90 4.46
CA VAL A 28 -3.51 -10.75 5.40
C VAL A 28 -2.03 -10.58 5.00
N ASP A 29 -1.20 -10.12 5.94
CA ASP A 29 0.20 -9.76 5.65
C ASP A 29 0.20 -8.82 4.42
N ASP A 30 0.93 -9.12 3.35
CA ASP A 30 0.92 -8.21 2.21
C ASP A 30 0.00 -8.69 1.07
N THR A 31 -0.97 -9.52 1.40
CA THR A 31 -1.84 -10.08 0.39
C THR A 31 -3.21 -9.46 0.55
N GLN A 32 -3.67 -8.79 -0.50
CA GLN A 32 -5.05 -8.24 -0.45
C GLN A 32 -6.00 -9.39 -0.72
N PHE A 33 -7.06 -9.51 0.07
CA PHE A 33 -7.99 -10.62 -0.09
C PHE A 33 -9.44 -10.23 -0.31
N VAL A 34 -9.83 -9.01 0.05
CA VAL A 34 -11.19 -8.57 -0.26
C VAL A 34 -11.13 -7.10 -0.66
N ARG A 35 -12.17 -6.62 -1.32
CA ARG A 35 -12.36 -5.17 -1.54
C ARG A 35 -13.84 -4.85 -1.56
N PHE A 36 -14.19 -3.60 -1.25
CA PHE A 36 -15.51 -3.06 -1.49
C PHE A 36 -15.32 -1.68 -2.06
N ASP A 37 -16.01 -1.37 -3.15
CA ASP A 37 -15.92 -0.04 -3.74
C ASP A 37 -17.35 0.44 -3.89
N SER A 38 -17.69 1.55 -3.25
CA SER A 38 -19.07 2.06 -3.32
C SER A 38 -19.51 2.35 -4.75
N ASP A 39 -18.55 2.60 -5.64
CA ASP A 39 -18.88 2.94 -7.02
C ASP A 39 -19.07 1.69 -7.90
N ALA A 40 -18.67 0.53 -7.40
CA ALA A 40 -18.73 -0.68 -8.24
C ALA A 40 -20.18 -1.13 -8.34
N ALA A 41 -20.51 -1.94 -9.35
CA ALA A 41 -21.91 -2.33 -9.55
C ALA A 41 -22.40 -3.37 -8.58
N SER A 42 -21.51 -4.25 -8.13
CA SER A 42 -21.88 -5.36 -7.30
C SER A 42 -22.54 -4.94 -5.98
N GLN A 43 -22.07 -3.83 -5.40
CA GLN A 43 -22.49 -3.47 -4.04
C GLN A 43 -22.28 -4.60 -3.06
N ARG A 44 -21.21 -5.37 -3.24
CA ARG A 44 -20.90 -6.51 -2.35
C ARG A 44 -19.41 -6.45 -1.99
N MET A 45 -19.04 -7.02 -0.85
CA MET A 45 -17.64 -7.34 -0.60
C MET A 45 -17.23 -8.39 -1.61
N GLU A 46 -16.08 -8.16 -2.25
CA GLU A 46 -15.66 -9.05 -3.36
C GLU A 46 -14.35 -9.72 -3.00
N PRO A 47 -14.18 -10.97 -3.44
CA PRO A 47 -12.90 -11.62 -3.23
C PRO A 47 -11.78 -11.07 -4.13
N ARG A 48 -10.54 -11.10 -3.60
CA ARG A 48 -9.36 -10.67 -4.35
C ARG A 48 -8.20 -11.64 -4.15
N ALA A 49 -8.45 -12.74 -3.47
CA ALA A 49 -7.54 -13.88 -3.43
C ALA A 49 -8.30 -15.19 -3.57
N PRO A 50 -7.67 -16.22 -4.17
CA PRO A 50 -8.44 -17.48 -4.39
C PRO A 50 -8.92 -18.18 -3.11
N TRP A 51 -8.13 -18.12 -2.04
CA TRP A 51 -8.43 -18.87 -0.83
C TRP A 51 -9.63 -18.31 -0.04
N ILE A 52 -10.04 -17.07 -0.31
CA ILE A 52 -11.24 -16.53 0.32
C ILE A 52 -12.52 -16.95 -0.40
N GLU A 53 -12.37 -17.43 -1.63
CA GLU A 53 -13.54 -17.77 -2.47
C GLU A 53 -14.32 -18.97 -1.93
N GLN A 54 -13.66 -19.78 -1.12
CA GLN A 54 -14.32 -20.94 -0.54
C GLN A 54 -15.24 -20.61 0.63
N GLU A 55 -15.20 -19.35 1.09
CA GLU A 55 -16.18 -18.94 2.09
C GLU A 55 -17.58 -18.91 1.49
N GLY A 56 -18.55 -19.34 2.29
CA GLY A 56 -19.94 -19.45 1.85
C GLY A 56 -20.73 -18.15 1.85
N PRO A 57 -21.98 -18.24 1.39
CA PRO A 57 -22.83 -17.05 1.28
C PRO A 57 -22.97 -16.29 2.59
N GLU A 58 -22.99 -16.99 3.72
CA GLU A 58 -23.22 -16.33 4.99
C GLU A 58 -22.05 -15.37 5.26
N TYR A 59 -20.86 -15.87 5.00
CA TYR A 59 -19.65 -15.04 5.11
C TYR A 59 -19.81 -13.78 4.27
N TRP A 60 -20.11 -13.95 2.98
CA TRP A 60 -20.15 -12.81 2.08
C TRP A 60 -21.28 -11.84 2.41
N ASP A 61 -22.41 -12.39 2.80
CA ASP A 61 -23.54 -11.56 3.23
C ASP A 61 -23.12 -10.71 4.45
N GLY A 62 -22.44 -11.34 5.40
CA GLY A 62 -22.05 -10.67 6.65
C GLY A 62 -20.99 -9.61 6.40
N GLU A 63 -20.00 -9.94 5.59
CA GLU A 63 -18.97 -8.95 5.27
C GLU A 63 -19.56 -7.77 4.52
N THR A 64 -20.48 -8.04 3.60
CA THR A 64 -21.11 -6.97 2.84
C THR A 64 -21.94 -6.07 3.75
N ARG A 65 -22.68 -6.68 4.67
CA ARG A 65 -23.52 -5.93 5.62
C ARG A 65 -22.63 -4.99 6.44
N LYS A 66 -21.54 -5.54 6.96
CA LYS A 66 -20.64 -4.75 7.82
C LYS A 66 -19.97 -3.62 7.08
N VAL A 67 -19.45 -3.92 5.89
CA VAL A 67 -18.70 -2.92 5.15
C VAL A 67 -19.62 -1.78 4.69
N LYS A 68 -20.83 -2.09 4.25
CA LYS A 68 -21.76 -1.01 3.91
C LYS A 68 -22.10 -0.16 5.16
N ALA A 69 -22.26 -0.82 6.30
CA ALA A 69 -22.58 -0.11 7.54
C ALA A 69 -21.42 0.84 7.88
N HIS A 70 -20.19 0.33 7.76
CA HIS A 70 -19.01 1.18 7.94
C HIS A 70 -19.02 2.39 7.02
N SER A 71 -19.43 2.18 5.77
CA SER A 71 -19.36 3.27 4.82
C SER A 71 -20.32 4.35 5.26
N GLN A 72 -21.42 3.93 5.87
CA GLN A 72 -22.43 4.91 6.29
C GLN A 72 -21.96 5.67 7.55
N THR A 73 -21.22 4.99 8.41
CA THR A 73 -20.61 5.71 9.54
C THR A 73 -19.66 6.78 9.01
N HIS A 74 -18.76 6.43 8.12
CA HIS A 74 -17.84 7.45 7.59
C HIS A 74 -18.62 8.59 6.95
N ARG A 75 -19.75 8.28 6.30
CA ARG A 75 -20.59 9.32 5.71
C ARG A 75 -21.06 10.34 6.75
N VAL A 76 -21.52 9.84 7.91
CA VAL A 76 -21.97 10.74 8.96
C VAL A 76 -20.74 11.51 9.44
N ASP A 77 -19.63 10.78 9.57
CA ASP A 77 -18.38 11.42 10.11
C ASP A 77 -17.98 12.61 9.29
N LEU A 78 -17.97 12.47 7.95
CA LEU A 78 -17.54 13.56 7.09
C LEU A 78 -18.39 14.80 7.34
N GLY A 79 -19.70 14.60 7.48
CA GLY A 79 -20.57 15.75 7.82
C GLY A 79 -20.27 16.41 9.15
N THR A 80 -20.05 15.62 10.19
CA THR A 80 -19.74 16.17 11.50
C THR A 80 -18.40 16.86 11.50
N LEU A 81 -17.40 16.25 10.84
CA LEU A 81 -16.05 16.85 10.84
C LEU A 81 -16.05 18.21 10.11
N ARG A 82 -16.79 18.31 9.01
CA ARG A 82 -16.88 19.61 8.31
C ARG A 82 -17.34 20.67 9.35
N GLY A 83 -18.32 20.30 10.16
CA GLY A 83 -18.85 21.20 11.20
C GLY A 83 -17.84 21.47 12.31
N TYR A 84 -17.17 20.43 12.81
CA TYR A 84 -16.12 20.60 13.84
C TYR A 84 -15.06 21.62 13.39
N TYR A 85 -14.71 21.56 12.12
CA TYR A 85 -13.60 22.36 11.60
C TYR A 85 -14.07 23.66 10.93
N ASN A 86 -15.37 23.89 10.99
CA ASN A 86 -15.97 25.09 10.42
C ASN A 86 -15.65 25.24 8.94
N GLN A 87 -15.75 24.15 8.18
CA GLN A 87 -15.35 24.20 6.79
C GLN A 87 -16.55 24.39 5.89
N SER A 88 -16.30 24.89 4.70
CA SER A 88 -17.34 25.13 3.73
C SER A 88 -17.96 23.81 3.26
N GLU A 89 -19.24 23.86 2.91
CA GLU A 89 -19.92 22.70 2.34
C GLU A 89 -19.43 22.39 0.93
N ALA A 90 -18.56 23.25 0.41
CA ALA A 90 -18.17 23.23 -0.99
C ALA A 90 -16.99 22.29 -1.27
N GLY A 91 -16.18 22.05 -0.24
CA GLY A 91 -14.92 21.33 -0.49
C GLY A 91 -15.08 19.83 -0.26
N SER A 92 -14.26 19.02 -0.95
CA SER A 92 -14.14 17.59 -0.65
C SER A 92 -13.12 17.32 0.47
N HIS A 93 -13.45 16.37 1.33
CA HIS A 93 -12.57 15.98 2.44
C HIS A 93 -12.52 14.47 2.51
N THR A 94 -11.62 13.99 3.35
CA THR A 94 -11.33 12.56 3.37
C THR A 94 -11.33 12.08 4.81
N VAL A 95 -11.93 10.91 5.04
CA VAL A 95 -11.65 10.16 6.26
C VAL A 95 -10.97 8.84 5.89
N GLN A 96 -10.00 8.46 6.70
CA GLN A 96 -9.30 7.18 6.55
C GLN A 96 -9.28 6.46 7.91
N ARG A 97 -9.45 5.14 7.85
CA ARG A 97 -9.38 4.33 9.06
C ARG A 97 -8.55 3.09 8.74
N MET A 98 -7.74 2.66 9.68
CA MET A 98 -7.03 1.39 9.51
C MET A 98 -7.12 0.65 10.84
N CYS A 99 -7.35 -0.66 10.79
CA CYS A 99 -7.32 -1.44 12.01
C CYS A 99 -6.82 -2.85 11.68
N GLY A 100 -6.34 -3.52 12.71
CA GLY A 100 -5.92 -4.90 12.50
C GLY A 100 -5.24 -5.48 13.71
N CYS A 101 -4.88 -6.77 13.58
CA CYS A 101 -4.27 -7.50 14.64
C CYS A 101 -3.09 -8.24 14.08
N ASP A 102 -2.10 -8.46 14.94
CA ASP A 102 -0.92 -9.27 14.63
C ASP A 102 -0.92 -10.49 15.54
N VAL A 103 -0.41 -11.60 15.01
CA VAL A 103 -0.06 -12.76 15.83
C VAL A 103 1.42 -13.10 15.62
N GLY A 104 2.03 -13.69 16.64
CA GLY A 104 3.43 -14.06 16.53
C GLY A 104 3.53 -15.41 15.83
N SER A 105 4.73 -15.96 15.85
CA SER A 105 4.99 -17.20 15.09
C SER A 105 4.30 -18.40 15.71
N ASP A 106 3.83 -18.25 16.95
CA ASP A 106 2.95 -19.24 17.57
C ASP A 106 1.46 -19.02 17.27
N TRP A 107 1.19 -18.02 16.44
CA TRP A 107 -0.18 -17.67 16.08
C TRP A 107 -1.05 -17.18 17.24
N ARG A 108 -0.41 -16.77 18.33
CA ARG A 108 -1.15 -16.14 19.40
C ARG A 108 -1.11 -14.61 19.23
N PHE A 109 -2.13 -13.95 19.73
CA PHE A 109 -2.22 -12.51 19.67
C PHE A 109 -0.95 -11.80 20.15
N LEU A 110 -0.49 -10.86 19.34
CA LEU A 110 0.72 -10.10 19.64
C LEU A 110 0.38 -8.64 19.90
N ARG A 111 -0.46 -8.05 19.04
CA ARG A 111 -0.79 -6.61 19.18
C ARG A 111 -2.03 -6.33 18.37
N GLY A 112 -2.71 -5.24 18.71
CA GLY A 112 -3.81 -4.77 17.85
C GLY A 112 -3.77 -3.26 17.74
N TYR A 113 -4.45 -2.71 16.75
CA TYR A 113 -4.30 -1.28 16.45
C TYR A 113 -5.49 -0.75 15.71
N HIS A 114 -5.75 0.55 15.87
CA HIS A 114 -6.78 1.24 15.10
C HIS A 114 -6.39 2.71 15.06
N GLN A 115 -6.38 3.27 13.85
CA GLN A 115 -6.02 4.68 13.64
C GLN A 115 -6.99 5.28 12.67
N TYR A 116 -7.33 6.54 12.92
CA TYR A 116 -8.33 7.24 12.13
C TYR A 116 -7.75 8.61 11.81
N ALA A 117 -7.94 9.06 10.56
CA ALA A 117 -7.36 10.33 10.07
C ALA A 117 -8.44 11.15 9.38
N TYR A 118 -8.32 12.47 9.49
CA TYR A 118 -9.15 13.37 8.69
C TYR A 118 -8.26 14.28 7.86
N ASP A 119 -8.58 14.34 6.58
CA ASP A 119 -7.75 15.05 5.57
C ASP A 119 -6.25 14.74 5.64
N GLY A 120 -5.94 13.49 5.94
CA GLY A 120 -4.60 12.95 5.82
C GLY A 120 -3.75 13.23 7.06
N LYS A 121 -4.39 13.70 8.13
CA LYS A 121 -3.67 13.91 9.39
C LYS A 121 -4.26 13.04 10.52
N ASP A 122 -3.40 12.58 11.42
CA ASP A 122 -3.90 11.80 12.58
C ASP A 122 -5.09 12.54 13.18
N TYR A 123 -6.11 11.77 13.53
CA TYR A 123 -7.24 12.33 14.25
C TYR A 123 -7.41 11.66 15.61
N ILE A 124 -7.72 10.37 15.60
CA ILE A 124 -7.83 9.66 16.88
C ILE A 124 -7.26 8.24 16.69
N ALA A 125 -6.63 7.70 17.73
CA ALA A 125 -5.99 6.41 17.63
C ALA A 125 -6.20 5.62 18.89
N LEU A 126 -6.34 4.31 18.77
CA LEU A 126 -6.31 3.50 19.98
C LEU A 126 -4.85 3.32 20.45
N LYS A 127 -4.63 3.46 21.75
CA LYS A 127 -3.31 3.25 22.30
C LYS A 127 -2.93 1.78 22.23
N GLU A 128 -1.63 1.50 22.35
CA GLU A 128 -1.18 0.11 22.32
C GLU A 128 -1.76 -0.81 23.40
N ASP A 129 -2.18 -0.23 24.52
CA ASP A 129 -2.80 -1.04 25.58
C ASP A 129 -4.26 -1.43 25.29
N LEU A 130 -4.79 -0.96 24.16
CA LEU A 130 -6.14 -1.27 23.76
C LEU A 130 -7.20 -0.81 24.74
N ARG A 131 -6.85 0.14 25.62
CA ARG A 131 -7.77 0.55 26.68
C ARG A 131 -8.21 2.01 26.59
N SER A 132 -7.45 2.81 25.88
CA SER A 132 -7.71 4.26 25.81
C SER A 132 -7.31 4.79 24.43
N TRP A 133 -7.63 6.07 24.22
CA TRP A 133 -7.45 6.75 22.91
C TRP A 133 -6.49 7.91 23.03
N THR A 134 -5.83 8.24 21.91
CA THR A 134 -5.04 9.45 21.73
C THR A 134 -5.85 10.34 20.77
N ALA A 135 -6.09 11.61 21.13
CA ALA A 135 -6.79 12.58 20.25
C ALA A 135 -5.81 13.67 19.84
N ALA A 136 -5.79 14.05 18.55
CA ALA A 136 -4.74 14.99 18.08
C ALA A 136 -5.05 16.43 18.40
N ASP A 137 -6.32 16.76 18.41
CA ASP A 137 -6.77 18.15 18.59
C ASP A 137 -8.10 18.16 19.29
N MET A 138 -8.69 19.36 19.42
CA MET A 138 -9.89 19.46 20.26
C MET A 138 -11.17 18.91 19.60
N ALA A 139 -11.19 18.81 18.28
CA ALA A 139 -12.26 18.07 17.61
C ALA A 139 -12.18 16.58 18.00
N ALA A 140 -11.01 15.97 17.84
CA ALA A 140 -10.88 14.55 18.18
C ALA A 140 -11.09 14.32 19.66
N GLN A 141 -10.73 15.30 20.48
CA GLN A 141 -11.03 15.19 21.90
C GLN A 141 -12.53 14.98 22.16
N THR A 142 -13.36 15.73 21.43
CA THR A 142 -14.82 15.55 21.50
C THR A 142 -15.19 14.11 21.10
N THR A 143 -14.55 13.61 20.04
CA THR A 143 -14.85 12.26 19.56
C THR A 143 -14.43 11.26 20.65
N LYS A 144 -13.26 11.52 21.25
CA LYS A 144 -12.75 10.62 22.30
C LYS A 144 -13.75 10.51 23.45
N HIS A 145 -14.31 11.64 23.87
CA HIS A 145 -15.35 11.59 24.91
C HIS A 145 -16.59 10.80 24.48
N LYS A 146 -17.01 10.96 23.24
CA LYS A 146 -18.13 10.14 22.71
C LYS A 146 -17.80 8.65 22.75
N TRP A 147 -16.59 8.31 22.29
CA TRP A 147 -16.20 6.90 22.20
C TRP A 147 -15.91 6.26 23.57
N GLU A 148 -15.52 7.08 24.53
CA GLU A 148 -15.39 6.62 25.89
C GLU A 148 -16.78 6.35 26.48
N ALA A 149 -17.74 7.22 26.19
CA ALA A 149 -19.09 7.03 26.74
C ALA A 149 -19.73 5.78 26.18
N ALA A 150 -19.37 5.43 24.95
CA ALA A 150 -20.00 4.29 24.31
C ALA A 150 -19.19 3.01 24.52
N HIS A 151 -18.12 3.10 25.31
CA HIS A 151 -17.27 1.97 25.63
C HIS A 151 -16.68 1.31 24.39
N VAL A 152 -16.28 2.12 23.42
CA VAL A 152 -15.78 1.57 22.17
C VAL A 152 -14.49 0.78 22.34
N ALA A 153 -13.55 1.25 23.17
CA ALA A 153 -12.26 0.57 23.27
C ALA A 153 -12.46 -0.89 23.72
N GLU A 154 -13.38 -1.09 24.65
CA GLU A 154 -13.68 -2.42 25.16
C GLU A 154 -14.17 -3.36 24.00
N GLN A 155 -15.06 -2.85 23.17
CA GLN A 155 -15.63 -3.64 22.05
C GLN A 155 -14.57 -3.90 21.02
N LEU A 156 -13.70 -2.91 20.79
CA LEU A 156 -12.67 -3.04 19.79
C LEU A 156 -11.58 -3.97 20.28
N ARG A 157 -11.29 -3.94 21.58
CA ARG A 157 -10.31 -4.84 22.15
C ARG A 157 -10.79 -6.29 22.04
N ALA A 158 -12.10 -6.48 22.22
CA ALA A 158 -12.74 -7.78 22.06
C ALA A 158 -12.49 -8.32 20.64
N TYR A 159 -12.76 -7.49 19.65
CA TYR A 159 -12.54 -7.88 18.25
C TYR A 159 -11.06 -8.21 18.02
N LEU A 160 -10.20 -7.27 18.40
CA LEU A 160 -8.78 -7.40 18.09
C LEU A 160 -8.11 -8.64 18.69
N GLU A 161 -8.53 -9.00 19.91
CA GLU A 161 -7.92 -10.13 20.60
C GLU A 161 -8.64 -11.43 20.35
N GLY A 162 -9.87 -11.34 19.84
CA GLY A 162 -10.68 -12.52 19.65
C GLY A 162 -10.88 -12.83 18.18
N THR A 163 -12.01 -12.37 17.67
CA THR A 163 -12.45 -12.65 16.34
C THR A 163 -11.41 -12.27 15.25
N CYS A 164 -10.67 -11.18 15.45
CA CYS A 164 -9.66 -10.79 14.45
C CYS A 164 -8.59 -11.90 14.34
N VAL A 165 -8.09 -12.33 15.49
CA VAL A 165 -7.04 -13.34 15.53
C VAL A 165 -7.56 -14.72 15.08
N GLU A 166 -8.78 -15.04 15.49
CA GLU A 166 -9.41 -16.33 15.11
C GLU A 166 -9.57 -16.43 13.61
N TRP A 167 -10.03 -15.35 12.98
CA TRP A 167 -10.21 -15.41 11.52
C TRP A 167 -8.88 -15.31 10.77
N LEU A 168 -7.93 -14.55 11.31
CA LEU A 168 -6.59 -14.56 10.71
C LEU A 168 -6.03 -15.99 10.69
N ARG A 169 -6.14 -16.69 11.82
CA ARG A 169 -5.72 -18.07 11.89
C ARG A 169 -6.41 -18.94 10.83
N ARG A 170 -7.73 -18.76 10.68
CA ARG A 170 -8.49 -19.54 9.70
C ARG A 170 -7.95 -19.26 8.28
N TYR A 171 -7.72 -17.98 7.95
CA TYR A 171 -7.26 -17.61 6.62
C TYR A 171 -5.88 -18.23 6.35
N LEU A 172 -5.00 -18.12 7.34
CA LEU A 172 -3.64 -18.65 7.24
C LEU A 172 -3.69 -20.13 6.90
N GLU A 173 -4.60 -20.85 7.54
CA GLU A 173 -4.80 -22.28 7.20
C GLU A 173 -5.36 -22.52 5.81
N ASN A 174 -6.49 -21.89 5.49
CA ASN A 174 -7.13 -22.10 4.21
C ASN A 174 -6.25 -21.63 3.05
N GLY A 175 -5.51 -20.55 3.27
CA GLY A 175 -4.69 -19.95 2.21
C GLY A 175 -3.23 -20.36 2.32
N LYS A 176 -2.98 -21.49 3.00
CA LYS A 176 -1.64 -21.85 3.48
C LYS A 176 -0.62 -21.87 2.33
N GLU A 177 -1.09 -22.28 1.16
CA GLU A 177 -0.20 -22.58 0.02
C GLU A 177 0.47 -21.32 -0.46
N THR A 178 -0.20 -20.18 -0.29
CA THR A 178 0.47 -18.91 -0.54
C THR A 178 0.77 -18.12 0.73
N LEU A 179 -0.19 -18.01 1.64
CA LEU A 179 0.02 -17.12 2.79
C LEU A 179 1.18 -17.57 3.70
N GLN A 180 1.45 -18.88 3.76
CA GLN A 180 2.57 -19.36 4.58
C GLN A 180 3.81 -19.70 3.74
N ARG A 181 3.85 -19.26 2.49
CA ARG A 181 5.03 -19.46 1.63
C ARG A 181 5.79 -18.14 1.68
N THR A 182 7.12 -18.22 1.80
CA THR A 182 7.93 -17.02 1.65
C THR A 182 8.64 -17.08 0.31
N ASP A 183 8.60 -15.99 -0.45
CA ASP A 183 9.31 -15.93 -1.72
C ASP A 183 10.55 -15.07 -1.51
N ALA A 184 11.69 -15.73 -1.41
CA ALA A 184 12.96 -15.00 -1.25
C ALA A 184 13.20 -14.13 -2.50
N PRO A 185 13.87 -12.99 -2.32
CA PRO A 185 14.14 -12.13 -3.47
C PRO A 185 15.07 -12.81 -4.46
N LYS A 186 14.71 -12.71 -5.73
CA LYS A 186 15.58 -13.09 -6.83
C LYS A 186 16.49 -11.91 -7.10
N THR A 187 17.79 -12.08 -6.88
CA THR A 187 18.68 -10.91 -6.85
C THR A 187 19.69 -10.98 -7.99
N HIS A 188 20.08 -9.81 -8.49
CA HIS A 188 21.19 -9.70 -9.41
C HIS A 188 21.67 -8.27 -9.39
N MET A 189 22.84 -8.07 -10.00
CA MET A 189 23.42 -6.70 -10.05
C MET A 189 23.57 -6.26 -11.50
N THR A 190 23.26 -5.00 -11.77
CA THR A 190 23.55 -4.46 -13.10
C THR A 190 24.56 -3.30 -12.97
N HIS A 191 25.15 -2.95 -14.11
CA HIS A 191 26.30 -2.01 -14.12
C HIS A 191 26.02 -1.00 -15.20
N HIS A 192 26.15 0.28 -14.86
CA HIS A 192 25.77 1.38 -15.76
C HIS A 192 26.82 2.47 -15.66
N ALA A 193 27.74 2.48 -16.63
CA ALA A 193 28.67 3.60 -16.70
C ALA A 193 27.94 4.93 -16.73
N VAL A 194 28.46 5.91 -15.99
CA VAL A 194 27.92 7.26 -15.96
C VAL A 194 28.87 8.25 -16.64
N SER A 195 30.13 7.86 -16.75
CA SER A 195 31.17 8.67 -17.39
C SER A 195 32.37 7.75 -17.58
N ASP A 196 33.50 8.31 -18.01
CA ASP A 196 34.73 7.52 -18.16
C ASP A 196 35.23 7.02 -16.81
N HIS A 197 34.80 7.69 -15.74
CA HIS A 197 35.48 7.57 -14.46
C HIS A 197 34.58 6.95 -13.40
N GLU A 198 33.26 7.00 -13.59
CA GLU A 198 32.30 6.53 -12.58
C GLU A 198 31.31 5.56 -13.22
N ALA A 199 30.76 4.67 -12.39
CA ALA A 199 29.72 3.74 -12.85
C ALA A 199 28.75 3.51 -11.72
N THR A 200 27.49 3.32 -12.09
CA THR A 200 26.48 2.95 -11.13
C THR A 200 26.38 1.44 -11.05
N LEU A 201 26.35 0.91 -9.84
CA LEU A 201 25.97 -0.49 -9.68
C LEU A 201 24.59 -0.50 -9.11
N ARG A 202 23.73 -1.36 -9.67
CA ARG A 202 22.37 -1.42 -9.16
C ARG A 202 22.05 -2.83 -8.72
N CYS A 203 21.72 -2.94 -7.44
CA CYS A 203 21.43 -4.25 -6.80
C CYS A 203 19.92 -4.44 -6.77
N TRP A 204 19.45 -5.48 -7.47
CA TRP A 204 18.03 -5.75 -7.70
C TRP A 204 17.56 -6.86 -6.79
N ALA A 205 16.36 -6.66 -6.22
CA ALA A 205 15.65 -7.72 -5.53
C ALA A 205 14.25 -7.82 -6.15
N LEU A 206 13.96 -8.98 -6.75
CA LEU A 206 12.73 -9.12 -7.56
C LEU A 206 11.85 -10.29 -7.07
N SER A 207 10.53 -10.14 -7.27
CA SER A 207 9.56 -11.21 -7.10
C SER A 207 9.58 -11.77 -5.68
N PHE A 208 9.72 -10.88 -4.68
CA PHE A 208 9.74 -11.34 -3.30
C PHE A 208 8.44 -11.13 -2.55
N TYR A 209 8.32 -11.84 -1.43
CA TYR A 209 7.12 -11.79 -0.60
C TYR A 209 7.49 -12.41 0.73
N PRO A 210 7.19 -11.73 1.85
CA PRO A 210 6.44 -10.47 1.95
C PRO A 210 7.27 -9.26 1.53
N ALA A 211 6.68 -8.07 1.68
CA ALA A 211 7.29 -6.85 1.15
C ALA A 211 8.51 -6.36 1.93
N GLU A 212 8.56 -6.67 3.22
CA GLU A 212 9.64 -6.19 4.08
C GLU A 212 10.97 -6.70 3.59
N ILE A 213 11.92 -5.79 3.40
CA ILE A 213 13.24 -6.17 2.91
C ILE A 213 14.24 -5.10 3.31
N THR A 214 15.50 -5.48 3.45
CA THR A 214 16.56 -4.50 3.62
C THR A 214 17.66 -4.73 2.59
N LEU A 215 18.01 -3.69 1.84
CA LEU A 215 19.15 -3.73 0.95
C LEU A 215 20.14 -2.70 1.45
N THR A 216 21.39 -3.12 1.56
CA THR A 216 22.45 -2.24 2.08
C THR A 216 23.66 -2.39 1.16
N TRP A 217 24.36 -1.30 0.88
CA TRP A 217 25.69 -1.35 0.25
C TRP A 217 26.80 -1.24 1.30
N GLN A 218 27.87 -2.03 1.08
CA GLN A 218 29.11 -1.89 1.86
C GLN A 218 30.22 -1.58 0.91
N ARG A 219 31.21 -0.82 1.38
CA ARG A 219 32.45 -0.68 0.64
C ARG A 219 33.56 -1.17 1.55
N ASP A 220 34.32 -2.13 1.05
CA ASP A 220 35.34 -2.83 1.83
C ASP A 220 34.77 -3.20 3.19
N GLY A 221 33.53 -3.68 3.20
CA GLY A 221 32.93 -4.27 4.39
C GLY A 221 32.37 -3.29 5.42
N GLU A 222 32.29 -2.00 5.09
CA GLU A 222 31.60 -1.06 5.95
C GLU A 222 30.38 -0.48 5.25
N ASP A 223 29.27 -0.29 5.96
CA ASP A 223 28.05 0.26 5.34
C ASP A 223 28.36 1.61 4.69
N GLN A 224 27.86 1.79 3.48
CA GLN A 224 27.96 3.07 2.80
C GLN A 224 26.58 3.60 2.46
N THR A 225 26.32 4.87 2.77
CA THR A 225 25.06 5.49 2.36
C THR A 225 25.25 6.68 1.42
N GLN A 226 26.39 7.37 1.55
CA GLN A 226 26.66 8.39 0.58
C GLN A 226 26.74 7.83 -0.82
N ASP A 227 26.37 8.65 -1.78
CA ASP A 227 26.37 8.26 -3.19
C ASP A 227 25.58 6.98 -3.45
N THR A 228 24.52 6.80 -2.67
CA THR A 228 23.58 5.68 -2.94
C THR A 228 22.19 6.22 -3.21
N GLU A 229 21.36 5.35 -3.76
CA GLU A 229 19.95 5.66 -3.98
C GLU A 229 19.18 4.38 -3.69
N LEU A 230 18.05 4.50 -2.98
CA LEU A 230 17.23 3.33 -2.66
C LEU A 230 15.84 3.69 -3.06
N VAL A 231 15.22 2.92 -3.97
CA VAL A 231 13.84 3.21 -4.34
C VAL A 231 12.84 2.60 -3.38
N GLU A 232 11.63 3.17 -3.34
CA GLU A 232 10.56 2.57 -2.51
C GLU A 232 10.27 1.21 -3.04
N THR A 233 10.00 0.28 -2.12
CA THR A 233 9.54 -1.06 -2.49
C THR A 233 8.24 -0.92 -3.27
N ARG A 234 8.13 -1.63 -4.39
CA ARG A 234 7.02 -1.42 -5.32
C ARG A 234 6.40 -2.75 -5.73
N PRO A 235 5.10 -2.74 -6.02
CA PRO A 235 4.42 -4.00 -6.37
C PRO A 235 4.71 -4.42 -7.81
N ALA A 236 4.96 -5.71 -8.01
CA ALA A 236 5.17 -6.23 -9.36
C ALA A 236 3.83 -6.33 -10.09
N GLY A 237 2.77 -6.55 -9.32
CA GLY A 237 1.41 -6.67 -9.90
C GLY A 237 0.92 -8.11 -9.94
N ASP A 238 1.81 -9.05 -9.58
CA ASP A 238 1.44 -10.45 -9.46
C ASP A 238 1.45 -10.93 -7.99
N GLY A 239 1.39 -9.96 -7.07
CA GLY A 239 1.40 -10.25 -5.62
C GLY A 239 2.77 -10.18 -4.96
N THR A 240 3.83 -10.17 -5.77
CA THR A 240 5.18 -9.96 -5.26
C THR A 240 5.65 -8.54 -5.38
N PHE A 241 6.85 -8.30 -4.83
CA PHE A 241 7.37 -6.95 -4.74
C PHE A 241 8.76 -6.85 -5.33
N GLN A 242 9.20 -5.61 -5.59
CA GLN A 242 10.51 -5.37 -6.24
C GLN A 242 11.16 -4.23 -5.46
N LYS A 243 12.49 -4.18 -5.46
CA LYS A 243 13.19 -3.02 -4.90
C LYS A 243 14.59 -3.02 -5.49
N TRP A 244 15.24 -1.87 -5.58
CA TRP A 244 16.64 -1.84 -5.91
C TRP A 244 17.35 -0.80 -5.10
N ALA A 245 18.67 -0.98 -4.99
CA ALA A 245 19.55 0.02 -4.32
C ALA A 245 20.74 0.22 -5.26
N ALA A 246 21.19 1.46 -5.42
CA ALA A 246 22.27 1.70 -6.36
C ALA A 246 23.36 2.52 -5.67
N VAL A 247 24.58 2.38 -6.17
CA VAL A 247 25.73 3.17 -5.63
C VAL A 247 26.57 3.61 -6.83
N VAL A 248 27.10 4.84 -6.77
CA VAL A 248 28.04 5.32 -7.81
C VAL A 248 29.47 5.11 -7.34
N VAL A 249 30.28 4.47 -8.17
CA VAL A 249 31.60 4.03 -7.73
C VAL A 249 32.62 4.45 -8.78
N PRO A 250 33.89 4.59 -8.37
CA PRO A 250 34.90 4.86 -9.41
C PRO A 250 35.17 3.63 -10.30
N SER A 251 35.28 3.87 -11.60
CA SER A 251 35.37 2.78 -12.57
C SER A 251 36.61 2.01 -12.24
N GLY A 252 36.48 0.69 -12.22
CA GLY A 252 37.60 -0.17 -11.84
C GLY A 252 37.62 -0.59 -10.39
N GLN A 253 36.83 0.08 -9.53
CA GLN A 253 36.82 -0.28 -8.11
C GLN A 253 35.54 -1.02 -7.72
N GLU A 254 34.83 -1.53 -8.72
CA GLU A 254 33.52 -2.17 -8.46
C GLU A 254 33.66 -3.29 -7.43
N GLN A 255 34.77 -4.03 -7.50
CA GLN A 255 34.93 -5.18 -6.60
C GLN A 255 35.02 -4.87 -5.07
N ARG A 256 35.27 -3.60 -4.72
CA ARG A 256 35.23 -3.19 -3.31
C ARG A 256 33.79 -3.18 -2.76
N TYR A 257 32.79 -3.14 -3.62
CA TYR A 257 31.41 -2.90 -3.14
C TYR A 257 30.59 -4.18 -3.06
N THR A 258 29.82 -4.34 -1.99
CA THR A 258 28.94 -5.52 -1.89
C THR A 258 27.56 -5.05 -1.54
N CYS A 259 26.56 -5.70 -2.15
CA CYS A 259 25.17 -5.43 -1.79
C CYS A 259 24.70 -6.55 -0.86
N HIS A 260 24.04 -6.15 0.22
CA HIS A 260 23.59 -7.11 1.24
C HIS A 260 22.07 -7.15 1.33
N VAL A 261 21.52 -8.34 1.19
CA VAL A 261 20.07 -8.49 1.08
C VAL A 261 19.57 -9.31 2.28
N GLN A 262 18.65 -8.72 3.03
CA GLN A 262 18.00 -9.42 4.14
C GLN A 262 16.52 -9.54 3.87
N HIS A 263 16.01 -10.75 4.11
CA HIS A 263 14.57 -11.00 3.85
C HIS A 263 14.16 -12.28 4.58
N GLU A 264 12.92 -12.32 5.03
CA GLU A 264 12.38 -13.45 5.81
C GLU A 264 12.57 -14.75 5.09
N GLY A 265 12.53 -14.70 3.76
CA GLY A 265 12.72 -15.90 2.96
C GLY A 265 14.15 -16.39 2.81
N LEU A 266 15.09 -15.65 3.39
CA LEU A 266 16.51 -15.97 3.29
C LEU A 266 17.01 -16.41 4.68
N PRO A 267 17.31 -17.70 4.83
CA PRO A 267 17.94 -18.16 6.08
C PRO A 267 19.16 -17.35 6.49
N LYS A 268 20.06 -17.06 5.53
CA LYS A 268 21.18 -16.14 5.77
C LYS A 268 21.06 -15.00 4.75
N PRO A 269 21.48 -13.79 5.11
CA PRO A 269 21.48 -12.72 4.11
C PRO A 269 22.36 -13.05 2.89
N LEU A 270 21.98 -12.53 1.73
CA LEU A 270 22.75 -12.74 0.53
C LEU A 270 23.72 -11.58 0.41
N THR A 271 24.87 -11.86 -0.18
CA THR A 271 25.87 -10.81 -0.52
C THR A 271 26.21 -10.88 -2.01
N LEU A 272 26.02 -9.77 -2.73
CA LEU A 272 26.30 -9.73 -4.17
C LEU A 272 27.53 -8.84 -4.41
N ARG A 273 28.37 -9.22 -5.34
CA ARG A 273 29.54 -8.41 -5.70
C ARG A 273 29.74 -8.43 -7.21
N TRP A 274 30.02 -7.28 -7.82
CA TRP A 274 30.34 -7.22 -9.25
C TRP A 274 31.74 -7.82 -9.44
N GLU A 275 31.92 -8.79 -10.33
CA GLU A 275 33.29 -9.07 -10.76
C GLU A 275 33.61 -8.95 -12.25
N MET B 1 -6.21 21.17 4.65
CA MET B 1 -5.64 19.84 4.32
C MET B 1 -4.18 19.93 3.91
N ILE B 2 -3.42 18.91 4.31
CA ILE B 2 -2.12 18.62 3.72
C ILE B 2 -2.31 18.13 2.28
N GLN B 3 -1.66 18.81 1.32
CA GLN B 3 -1.55 18.30 -0.06
C GLN B 3 -0.12 17.75 -0.26
N ARG B 4 -0.04 16.54 -0.77
CA ARG B 4 1.26 15.88 -0.94
C ARG B 4 1.35 15.35 -2.35
N THR B 5 2.42 15.68 -3.05
CA THR B 5 2.46 15.40 -4.48
C THR B 5 2.92 13.95 -4.72
N PRO B 6 2.46 13.34 -5.81
CA PRO B 6 2.80 11.92 -5.95
C PRO B 6 4.26 11.64 -6.29
N LYS B 7 4.78 10.56 -5.71
CA LYS B 7 6.00 9.93 -6.21
C LYS B 7 5.57 9.02 -7.36
N ILE B 8 6.43 8.85 -8.36
CA ILE B 8 6.04 8.07 -9.54
C ILE B 8 7.22 7.15 -9.91
N GLN B 9 6.98 5.86 -9.97
CA GLN B 9 7.91 4.93 -10.60
C GLN B 9 7.25 4.28 -11.78
N VAL B 10 7.99 4.18 -12.90
CA VAL B 10 7.45 3.52 -14.09
C VAL B 10 8.38 2.34 -14.47
N TYR B 11 7.85 1.14 -14.60
CA TYR B 11 8.72 -0.04 -14.63
C TYR B 11 7.94 -1.21 -15.16
N SER B 12 8.64 -2.30 -15.48
CA SER B 12 7.93 -3.47 -15.98
C SER B 12 7.84 -4.55 -14.89
N ARG B 13 6.82 -5.40 -15.03
CA ARG B 13 6.62 -6.45 -14.05
C ARG B 13 7.77 -7.42 -14.15
N HIS B 14 8.12 -7.83 -15.38
CA HIS B 14 9.25 -8.73 -15.63
C HIS B 14 10.39 -7.96 -16.31
N PRO B 15 11.61 -8.53 -16.32
CA PRO B 15 12.72 -7.90 -17.00
C PRO B 15 12.37 -7.63 -18.47
N ALA B 16 12.67 -6.43 -18.94
CA ALA B 16 12.23 -6.03 -20.27
C ALA B 16 13.03 -6.79 -21.32
N GLU B 17 12.34 -7.49 -22.22
CA GLU B 17 12.99 -8.13 -23.34
C GLU B 17 12.26 -7.78 -24.62
N ASN B 18 12.99 -7.16 -25.57
CA ASN B 18 12.33 -6.64 -26.75
C ASN B 18 11.59 -7.71 -27.53
N GLY B 19 10.35 -7.40 -27.90
CA GLY B 19 9.49 -8.31 -28.64
C GLY B 19 8.72 -9.32 -27.80
N LYS B 20 8.92 -9.29 -26.48
CA LYS B 20 8.23 -10.25 -25.62
C LYS B 20 7.22 -9.58 -24.68
N SER B 21 5.99 -10.11 -24.62
CA SER B 21 4.90 -9.57 -23.83
C SER B 21 5.26 -9.48 -22.34
N ASN B 22 4.78 -8.43 -21.69
CA ASN B 22 5.19 -8.03 -20.34
C ASN B 22 4.04 -7.15 -19.82
N PHE B 23 4.25 -6.51 -18.67
CA PHE B 23 3.29 -5.57 -18.13
C PHE B 23 4.02 -4.31 -17.78
N LEU B 24 3.45 -3.18 -18.19
CA LEU B 24 4.03 -1.88 -17.85
C LEU B 24 3.29 -1.38 -16.62
N ASN B 25 4.04 -0.93 -15.63
CA ASN B 25 3.51 -0.52 -14.32
C ASN B 25 3.79 0.93 -14.14
N CYS B 26 2.82 1.68 -13.60
CA CYS B 26 3.09 3.02 -13.08
C CYS B 26 2.57 3.04 -11.66
N TYR B 27 3.49 3.10 -10.71
CA TYR B 27 3.16 3.06 -9.30
C TYR B 27 3.23 4.50 -8.78
N VAL B 28 2.07 5.02 -8.33
CA VAL B 28 2.00 6.34 -7.75
C VAL B 28 1.76 6.22 -6.24
N SER B 29 2.49 7.01 -5.46
CA SER B 29 2.42 6.82 -4.02
C SER B 29 2.79 8.13 -3.34
N GLY B 30 2.53 8.20 -2.03
CA GLY B 30 2.97 9.35 -1.23
C GLY B 30 2.10 10.57 -1.45
N PHE B 31 0.94 10.38 -2.09
CA PHE B 31 0.05 11.52 -2.42
C PHE B 31 -1.18 11.71 -1.54
N HIS B 32 -1.69 12.94 -1.50
CA HIS B 32 -2.92 13.22 -0.78
C HIS B 32 -3.37 14.60 -1.30
N PRO B 33 -4.65 14.73 -1.64
CA PRO B 33 -5.76 13.76 -1.49
C PRO B 33 -5.71 12.67 -2.56
N SER B 34 -6.69 11.78 -2.58
CA SER B 34 -6.62 10.55 -3.33
C SER B 34 -6.96 10.73 -4.83
N ASP B 35 -7.72 11.78 -5.17
CA ASP B 35 -8.13 12.01 -6.55
C ASP B 35 -6.85 12.20 -7.39
N ILE B 36 -6.71 11.39 -8.43
CA ILE B 36 -5.49 11.43 -9.24
C ILE B 36 -5.86 10.94 -10.63
N GLU B 37 -5.19 11.48 -11.64
CA GLU B 37 -5.44 11.01 -13.01
C GLU B 37 -4.14 10.40 -13.50
N VAL B 38 -4.18 9.17 -13.98
CA VAL B 38 -2.96 8.48 -14.42
C VAL B 38 -3.25 7.81 -15.73
N ASP B 39 -2.48 8.16 -16.77
CA ASP B 39 -2.54 7.46 -18.06
C ASP B 39 -1.19 6.81 -18.36
N LEU B 40 -1.21 5.69 -19.06
CA LEU B 40 0.01 5.14 -19.62
C LEU B 40 0.01 5.48 -21.11
N LEU B 41 1.18 5.86 -21.63
CA LEU B 41 1.30 6.35 -23.01
C LEU B 41 2.24 5.42 -23.79
N LYS B 42 1.94 5.25 -25.08
CA LYS B 42 2.86 4.64 -26.01
C LYS B 42 3.11 5.64 -27.13
N ASN B 43 4.35 6.09 -27.27
CA ASN B 43 4.73 7.14 -28.23
C ASN B 43 3.85 8.37 -28.10
N GLY B 44 3.59 8.75 -26.85
CA GLY B 44 2.79 9.94 -26.53
C GLY B 44 1.28 9.77 -26.60
N GLU B 45 0.83 8.61 -27.02
CA GLU B 45 -0.59 8.39 -27.18
C GLU B 45 -1.16 7.55 -26.03
N ARG B 46 -2.37 7.87 -25.59
CA ARG B 46 -2.97 7.22 -24.43
C ARG B 46 -3.32 5.77 -24.72
N ILE B 47 -2.83 4.86 -23.89
CA ILE B 47 -3.16 3.46 -24.06
C ILE B 47 -4.53 3.19 -23.46
N GLU B 48 -5.37 2.44 -24.16
CA GLU B 48 -6.78 2.36 -23.78
C GLU B 48 -7.09 1.44 -22.61
N LYS B 49 -6.57 0.22 -22.60
CA LYS B 49 -7.14 -0.77 -21.65
C LYS B 49 -6.47 -0.84 -20.27
N VAL B 50 -6.24 0.31 -19.62
CA VAL B 50 -5.38 0.34 -18.42
C VAL B 50 -6.17 0.05 -17.15
N GLU B 51 -5.63 -0.82 -16.30
CA GLU B 51 -6.30 -1.18 -15.06
C GLU B 51 -5.53 -0.61 -13.88
N HIS B 52 -6.18 -0.57 -12.72
CA HIS B 52 -5.44 -0.13 -11.53
C HIS B 52 -5.86 -0.94 -10.31
N SER B 53 -5.02 -0.88 -9.28
CA SER B 53 -5.29 -1.55 -8.02
C SER B 53 -6.34 -0.78 -7.21
N ASP B 54 -6.80 -1.41 -6.14
CA ASP B 54 -7.78 -0.80 -5.26
C ASP B 54 -7.05 0.23 -4.41
N LEU B 55 -7.62 1.42 -4.25
CA LEU B 55 -6.98 2.44 -3.39
C LEU B 55 -6.62 1.94 -1.98
N SER B 56 -5.39 2.22 -1.56
CA SER B 56 -5.02 1.95 -0.17
C SER B 56 -4.01 2.99 0.22
N PHE B 57 -3.45 2.87 1.42
CA PHE B 57 -2.59 3.92 1.90
C PHE B 57 -1.54 3.41 2.87
N SER B 58 -0.56 4.26 3.10
CA SER B 58 0.60 3.90 3.91
C SER B 58 0.49 4.36 5.36
N LYS B 59 1.54 4.11 6.12
CA LYS B 59 1.55 4.44 7.55
C LYS B 59 1.33 5.94 7.78
N ASP B 60 1.82 6.77 6.87
CA ASP B 60 1.69 8.22 7.02
C ASP B 60 0.41 8.78 6.41
N TRP B 61 -0.54 7.88 6.11
CA TRP B 61 -1.80 8.21 5.43
C TRP B 61 -1.75 8.50 3.95
N SER B 62 -0.57 8.61 3.36
CA SER B 62 -0.53 8.89 1.94
C SER B 62 -0.94 7.67 1.10
N PHE B 63 -1.58 7.95 -0.02
CA PHE B 63 -2.24 6.94 -0.83
C PHE B 63 -1.24 6.31 -1.81
N TYR B 64 -1.56 5.10 -2.28
CA TYR B 64 -0.82 4.52 -3.40
C TYR B 64 -1.72 3.71 -4.28
N LEU B 65 -1.36 3.69 -5.56
CA LEU B 65 -2.10 2.94 -6.58
C LEU B 65 -1.06 2.40 -7.55
N LEU B 66 -1.40 1.26 -8.11
CA LEU B 66 -0.64 0.69 -9.26
C LEU B 66 -1.53 0.71 -10.47
N TYR B 67 -1.09 1.41 -11.52
CA TYR B 67 -1.74 1.33 -12.83
C TYR B 67 -0.93 0.44 -13.77
N TYR B 68 -1.60 -0.39 -14.57
CA TYR B 68 -0.86 -1.31 -15.39
C TYR B 68 -1.60 -1.72 -16.65
N THR B 69 -0.81 -2.17 -17.61
CA THR B 69 -1.30 -2.71 -18.85
C THR B 69 -0.30 -3.71 -19.42
N GLU B 70 -0.81 -4.70 -20.14
CA GLU B 70 0.02 -5.54 -21.01
C GLU B 70 0.72 -4.68 -22.06
N PHE B 71 2.00 -4.93 -22.30
CA PHE B 71 2.71 -4.23 -23.39
C PHE B 71 3.84 -5.11 -23.89
N THR B 72 4.38 -4.75 -25.06
CA THR B 72 5.56 -5.45 -25.59
C THR B 72 6.67 -4.40 -25.79
N PRO B 73 7.67 -4.39 -24.91
CA PRO B 73 8.79 -3.48 -25.12
C PRO B 73 9.46 -3.73 -26.47
N THR B 74 9.96 -2.65 -27.07
CA THR B 74 10.75 -2.76 -28.34
C THR B 74 11.93 -1.82 -28.27
N GLU B 75 12.83 -1.90 -29.24
CA GLU B 75 13.95 -0.95 -29.25
C GLU B 75 13.48 0.48 -29.34
N LYS B 76 12.44 0.73 -30.13
CA LYS B 76 12.12 2.09 -30.53
C LYS B 76 10.91 2.71 -29.80
N ASP B 77 9.95 1.89 -29.38
CA ASP B 77 8.73 2.49 -28.79
C ASP B 77 9.02 3.08 -27.43
N GLU B 78 8.43 4.25 -27.19
CA GLU B 78 8.67 4.99 -25.96
C GLU B 78 7.42 4.84 -25.10
N TYR B 79 7.57 4.39 -23.86
CA TYR B 79 6.39 4.28 -22.96
C TYR B 79 6.56 5.29 -21.85
N ALA B 80 5.45 5.75 -21.28
CA ALA B 80 5.53 6.75 -20.24
C ALA B 80 4.29 6.69 -19.38
N CYS B 81 4.37 7.32 -18.22
CA CYS B 81 3.21 7.48 -17.35
C CYS B 81 2.93 8.99 -17.25
N ARG B 82 1.67 9.37 -17.43
CA ARG B 82 1.32 10.78 -17.27
C ARG B 82 0.38 10.92 -16.08
N VAL B 83 0.76 11.78 -15.13
CA VAL B 83 0.05 11.93 -13.87
C VAL B 83 -0.46 13.37 -13.67
N ASN B 84 -1.73 13.51 -13.34
CA ASN B 84 -2.17 14.82 -12.84
C ASN B 84 -2.84 14.73 -11.48
N HIS B 85 -2.53 15.70 -10.64
CA HIS B 85 -3.01 15.70 -9.27
C HIS B 85 -3.16 17.18 -8.91
N VAL B 86 -3.94 17.50 -7.90
CA VAL B 86 -4.11 18.88 -7.48
C VAL B 86 -2.82 19.62 -7.17
N THR B 87 -1.76 18.88 -6.84
CA THR B 87 -0.51 19.50 -6.40
C THR B 87 0.35 19.92 -7.58
N LEU B 88 -0.06 19.53 -8.77
CA LEU B 88 0.69 19.76 -9.99
C LEU B 88 0.01 20.82 -10.85
N SER B 89 0.78 21.78 -11.40
CA SER B 89 0.19 22.78 -12.31
C SER B 89 -0.19 22.22 -13.66
N GLN B 90 0.56 21.24 -14.13
CA GLN B 90 0.23 20.55 -15.37
C GLN B 90 0.66 19.09 -15.22
N PRO B 91 0.13 18.22 -16.08
CA PRO B 91 0.42 16.80 -15.95
C PRO B 91 1.92 16.53 -16.03
N LYS B 92 2.40 15.65 -15.17
CA LYS B 92 3.80 15.29 -15.09
C LYS B 92 3.99 13.99 -15.89
N ILE B 93 5.00 13.96 -16.74
CA ILE B 93 5.21 12.82 -17.62
C ILE B 93 6.54 12.19 -17.23
N VAL B 94 6.51 10.91 -16.89
CA VAL B 94 7.70 10.18 -16.49
C VAL B 94 7.90 9.06 -17.49
N LYS B 95 9.00 9.14 -18.24
CA LYS B 95 9.29 8.10 -19.22
C LYS B 95 9.78 6.80 -18.57
N TRP B 96 9.31 5.69 -19.14
CA TRP B 96 9.78 4.39 -18.73
C TRP B 96 11.26 4.24 -19.07
N ASP B 97 12.05 3.97 -18.05
CA ASP B 97 13.46 3.61 -18.23
C ASP B 97 13.60 2.16 -17.84
N ARG B 98 13.94 1.31 -18.82
CA ARG B 98 14.03 -0.12 -18.61
C ARG B 98 15.15 -0.55 -17.65
N ASP B 99 16.02 0.38 -17.30
CA ASP B 99 17.06 0.08 -16.32
C ASP B 99 16.62 0.42 -14.88
N MET B 100 15.39 0.92 -14.67
CA MET B 100 15.03 1.45 -13.35
C MET B 100 13.77 0.84 -12.73
N PHE C 1 -12.12 -10.97 8.25
CA PHE C 1 -13.45 -10.86 8.92
C PHE C 1 -13.49 -9.46 9.57
N LEU C 2 -14.35 -8.59 9.05
CA LEU C 2 -14.42 -7.20 9.53
C LEU C 2 -14.88 -7.11 10.98
N PRO C 3 -14.46 -6.04 11.68
CA PRO C 3 -15.18 -5.62 12.88
C PRO C 3 -16.55 -5.13 12.48
N SER C 4 -17.53 -5.33 13.34
CA SER C 4 -18.83 -4.76 13.04
C SER C 4 -18.81 -3.23 13.25
N ASP C 5 -19.93 -2.61 12.92
CA ASP C 5 -20.05 -1.17 12.77
C ASP C 5 -20.33 -0.61 14.18
N PHE C 6 -19.41 -0.85 15.09
CA PHE C 6 -19.62 -0.42 16.50
C PHE C 6 -19.05 0.95 16.89
N PHE C 7 -18.43 1.68 15.96
CA PHE C 7 -17.95 3.04 16.30
C PHE C 7 -19.13 3.96 16.12
N PRO C 8 -19.47 4.72 17.16
CA PRO C 8 -20.31 5.88 16.96
C PRO C 8 -19.68 6.79 15.93
N SER C 9 -20.50 7.58 15.24
CA SER C 9 -19.96 8.61 14.37
C SER C 9 -19.22 9.61 15.28
N VAL C 10 -18.21 10.29 14.73
CA VAL C 10 -17.26 11.03 15.54
C VAL C 10 -17.88 12.28 16.19
#